data_4Y03
#
_entry.id   4Y03
#
_cell.length_a   41.680
_cell.length_b   58.480
_cell.length_c   139.130
_cell.angle_alpha   90.000
_cell.angle_beta   90.000
_cell.angle_gamma   90.000
#
_symmetry.space_group_name_H-M   'P 21 21 21'
#
loop_
_entity.id
_entity.type
_entity.pdbx_description
1 polymer 'Protein polybromo-1'
2 non-polymer '2-HYDROXYBENZOIC ACID'
3 non-polymer 'CITRIC ACID'
4 water water
#
_entity_poly.entity_id   1
_entity_poly.type   'polypeptide(L)'
_entity_poly.pdbx_seq_one_letter_code
;SMSGISPKKSKYMTPMQQKLNEVYEAVKNYTDKRGRRLSAIFLRLPSRSELPDYYLTIKKPMDMEKIRSHMMANKYQDID
SMVEDFVMMFNNACTYNEPESLIYKDALVLHKVLLETRRDLEGD
;
_entity_poly.pdbx_strand_id   A,B
#
# COMPACT_ATOMS: atom_id res chain seq x y z
N SER A 10 26.96 -15.33 5.59
CA SER A 10 26.19 -14.19 5.00
C SER A 10 24.71 -14.47 5.19
N LYS A 11 24.26 -15.63 4.73
CA LYS A 11 22.86 -16.01 4.83
C LYS A 11 22.29 -15.97 6.25
N TYR A 12 23.14 -16.07 7.28
CA TYR A 12 22.65 -16.13 8.68
C TYR A 12 22.71 -14.76 9.34
N MET A 13 21.58 -14.29 9.86
CA MET A 13 21.55 -12.98 10.53
C MET A 13 22.04 -13.10 11.96
N THR A 14 22.74 -12.06 12.41
CA THR A 14 23.09 -11.94 13.82
C THR A 14 21.81 -11.78 14.63
N PRO A 15 21.87 -11.98 15.96
CA PRO A 15 20.68 -11.72 16.80
C PRO A 15 20.08 -10.30 16.69
N MET A 16 20.93 -9.26 16.71
CA MET A 16 20.48 -7.87 16.56
C MET A 16 19.81 -7.75 15.19
N GLN A 17 20.45 -8.30 14.17
CA GLN A 17 19.87 -8.25 12.81
C GLN A 17 18.51 -8.92 12.74
N GLN A 18 18.36 -10.06 13.40
CA GLN A 18 17.08 -10.77 13.51
C GLN A 18 15.98 -9.95 14.22
N LYS A 19 16.35 -9.30 15.31
CA LYS A 19 15.44 -8.44 16.08
C LYS A 19 15.00 -7.24 15.24
N LEU A 20 15.97 -6.58 14.60
CA LEU A 20 15.63 -5.47 13.70
C LEU A 20 14.61 -5.91 12.68
N ASN A 21 14.89 -7.03 12.02
CA ASN A 21 14.04 -7.59 10.99
C ASN A 21 12.68 -7.93 11.55
N GLU A 22 12.64 -8.53 12.73
CA GLU A 22 11.39 -8.89 13.34
C GLU A 22 10.50 -7.66 13.60
N VAL A 23 11.06 -6.59 14.16
CA VAL A 23 10.32 -5.35 14.41
C VAL A 23 9.85 -4.74 13.09
N TYR A 24 10.76 -4.59 12.12
CA TYR A 24 10.37 -4.05 10.82
C TYR A 24 9.19 -4.83 10.26
N GLU A 25 9.31 -6.15 10.24
CA GLU A 25 8.28 -7.02 9.61
C GLU A 25 6.94 -6.98 10.34
N ALA A 26 7.01 -6.83 11.66
CA ALA A 26 5.79 -6.80 12.45
C ALA A 26 4.91 -5.61 12.03
N VAL A 27 5.54 -4.44 11.91
CA VAL A 27 4.92 -3.24 11.40
C VAL A 27 4.47 -3.42 9.91
N LYS A 28 5.38 -3.87 9.04
CA LYS A 28 5.02 -4.06 7.64
C LYS A 28 3.82 -4.99 7.43
N ASN A 29 3.82 -6.14 8.11
CA ASN A 29 2.85 -7.21 7.88
C ASN A 29 1.53 -7.08 8.64
N TYR A 30 1.45 -6.16 9.59
CA TYR A 30 0.24 -6.05 10.38
C TYR A 30 -0.98 -5.85 9.50
N THR A 31 -2.01 -6.65 9.75
CA THR A 31 -3.28 -6.52 9.05
C THR A 31 -4.38 -6.41 10.09
N ASP A 32 -5.40 -5.63 9.78
CA ASP A 32 -6.54 -5.49 10.67
C ASP A 32 -7.52 -6.64 10.41
N LYS A 33 -8.69 -6.57 11.03
CA LYS A 33 -9.65 -7.67 10.95
C LYS A 33 -10.19 -7.85 9.52
N ARG A 34 -10.26 -6.75 8.76
CA ARG A 34 -10.73 -6.76 7.37
C ARG A 34 -9.64 -7.15 6.32
N GLY A 35 -8.42 -7.45 6.77
CA GLY A 35 -7.35 -7.88 5.86
C GLY A 35 -6.59 -6.74 5.27
N ARG A 36 -6.76 -5.54 5.81
CA ARG A 36 -6.09 -4.35 5.28
C ARG A 36 -4.71 -4.16 5.93
N ARG A 37 -3.66 -4.01 5.13
CA ARG A 37 -2.32 -3.82 5.68
C ARG A 37 -2.15 -2.35 5.86
N LEU A 38 -2.07 -1.94 7.12
CA LEU A 38 -2.01 -0.54 7.45
C LEU A 38 -0.71 0.08 6.91
N SER A 39 0.29 -0.75 6.67
CA SER A 39 1.56 -0.22 6.25
C SER A 39 1.53 0.41 4.87
N ALA A 40 0.46 0.13 4.09
CA ALA A 40 0.44 0.39 2.65
C ALA A 40 0.98 1.76 2.24
N ILE A 41 0.43 2.79 2.82
CA ILE A 41 0.70 4.17 2.41
C ILE A 41 2.04 4.63 2.98
N PHE A 42 2.60 3.89 3.95
CA PHE A 42 3.83 4.27 4.60
C PHE A 42 5.08 3.70 3.92
N LEU A 43 4.91 2.80 2.98
CA LEU A 43 6.08 2.14 2.40
C LEU A 43 6.94 3.15 1.68
N ARG A 44 6.29 4.06 0.96
CA ARG A 44 6.99 5.02 0.15
C ARG A 44 6.25 6.35 0.00
N LEU A 45 6.89 7.41 0.51
CA LEU A 45 6.32 8.75 0.51
C LEU A 45 6.36 9.27 -0.93
N PRO A 46 5.30 9.97 -1.37
CA PRO A 46 5.42 10.52 -2.72
C PRO A 46 6.43 11.64 -2.84
N SER A 47 6.51 12.18 -4.06
CA SER A 47 7.53 13.13 -4.44
C SER A 47 7.24 14.50 -3.84
N ARG A 48 8.28 15.32 -3.75
CA ARG A 48 8.09 16.70 -3.39
C ARG A 48 7.13 17.38 -4.35
N SER A 49 7.16 17.00 -5.63
CA SER A 49 6.24 17.62 -6.63
C SER A 49 4.78 17.11 -6.57
N GLU A 50 4.59 15.89 -6.04
CA GLU A 50 3.25 15.33 -5.87
C GLU A 50 2.65 15.77 -4.56
N LEU A 51 3.52 16.15 -3.62
CA LEU A 51 3.05 16.63 -2.32
C LEU A 51 3.77 17.93 -1.90
N PRO A 52 3.52 19.05 -2.64
CA PRO A 52 4.04 20.39 -2.26
C PRO A 52 3.90 20.77 -0.79
N ASP A 53 2.70 20.68 -0.25
CA ASP A 53 2.48 21.11 1.14
C ASP A 53 3.25 20.21 2.13
N TYR A 54 3.44 18.94 1.78
CA TYR A 54 4.07 18.00 2.71
C TYR A 54 5.50 18.35 3.03
N TYR A 55 6.29 18.43 2.00
CA TYR A 55 7.71 18.64 2.20
C TYR A 55 8.08 20.01 2.85
N LEU A 56 7.22 21.00 2.64
CA LEU A 56 7.38 22.33 3.23
C LEU A 56 7.02 22.34 4.73
N THR A 57 6.17 21.39 5.15
CA THR A 57 5.72 21.22 6.54
C THR A 57 6.58 20.22 7.36
N ILE A 58 7.11 19.19 6.68
CA ILE A 58 7.85 18.11 7.34
C ILE A 58 9.38 18.35 7.22
N LYS A 59 10.00 18.53 8.36
CA LYS A 59 11.42 18.79 8.47
C LYS A 59 12.24 17.57 7.98
N LYS A 60 11.92 16.38 8.50
CA LYS A 60 12.70 15.16 8.23
C LYS A 60 11.80 14.05 7.65
N PRO A 61 11.60 14.03 6.32
CA PRO A 61 10.65 13.07 5.77
C PRO A 61 11.11 11.60 5.95
N MET A 62 10.16 10.70 6.16
CA MET A 62 10.50 9.30 6.48
C MET A 62 9.47 8.33 5.92
N ASP A 63 9.94 7.20 5.38
CA ASP A 63 9.04 6.13 4.96
C ASP A 63 9.69 4.78 5.25
N MET A 64 8.96 3.68 5.09
CA MET A 64 9.48 2.36 5.47
C MET A 64 10.57 1.86 4.54
N GLU A 65 10.60 2.36 3.31
CA GLU A 65 11.65 1.97 2.35
C GLU A 65 12.95 2.59 2.78
N LYS A 66 12.92 3.83 3.26
CA LYS A 66 14.11 4.41 3.85
C LYS A 66 14.60 3.57 5.05
N ILE A 67 13.69 3.15 5.90
CA ILE A 67 14.08 2.37 7.11
C ILE A 67 14.67 1.03 6.71
N ARG A 68 14.01 0.40 5.73
CA ARG A 68 14.38 -0.92 5.22
C ARG A 68 15.76 -0.94 4.53
N SER A 69 16.09 0.15 3.87
CA SER A 69 17.36 0.34 3.20
C SER A 69 18.50 0.48 4.22
N HIS A 70 18.25 1.20 5.30
CA HIS A 70 19.27 1.38 6.33
C HIS A 70 19.54 0.01 6.93
N MET A 71 18.47 -0.65 7.38
CA MET A 71 18.54 -2.00 7.92
C MET A 71 19.30 -2.96 7.00
N MET A 72 18.95 -3.01 5.72
CA MET A 72 19.59 -3.91 4.77
C MET A 72 21.05 -3.56 4.52
N ALA A 73 21.41 -2.29 4.67
CA ALA A 73 22.81 -1.90 4.60
C ALA A 73 23.52 -2.12 5.96
N ASN A 74 22.85 -2.82 6.89
CA ASN A 74 23.33 -3.07 8.29
C ASN A 74 23.68 -1.81 9.05
N LYS A 75 22.94 -0.72 8.79
CA LYS A 75 23.33 0.58 9.32
C LYS A 75 22.67 0.93 10.65
N TYR A 76 21.71 0.14 11.13
CA TYR A 76 21.20 0.37 12.49
C TYR A 76 22.05 -0.41 13.48
N GLN A 77 22.47 0.27 14.54
CA GLN A 77 23.37 -0.32 15.52
C GLN A 77 22.62 -0.92 16.70
N ASP A 78 21.35 -0.53 16.87
CA ASP A 78 20.54 -1.01 17.99
C ASP A 78 19.07 -0.90 17.66
N ILE A 79 18.20 -1.48 18.49
CA ILE A 79 16.76 -1.45 18.21
C ILE A 79 16.20 -0.04 18.27
N ASP A 80 16.62 0.68 19.32
CA ASP A 80 16.18 2.06 19.54
C ASP A 80 16.42 2.98 18.37
N SER A 81 17.53 2.79 17.67
CA SER A 81 17.80 3.56 16.45
C SER A 81 16.71 3.36 15.38
N MET A 82 16.21 2.13 15.19
CA MET A 82 15.14 1.89 14.18
C MET A 82 13.77 2.39 14.66
N VAL A 83 13.49 2.18 15.94
CA VAL A 83 12.29 2.75 16.56
C VAL A 83 12.17 4.26 16.39
N GLU A 84 13.28 4.97 16.61
CA GLU A 84 13.33 6.41 16.42
C GLU A 84 12.89 6.81 15.01
N ASP A 85 13.39 6.12 13.99
CA ASP A 85 12.94 6.40 12.64
C ASP A 85 11.48 6.10 12.41
N PHE A 86 10.98 5.01 12.96
CA PHE A 86 9.55 4.74 12.84
C PHE A 86 8.73 5.84 13.51
N VAL A 87 9.16 6.20 14.71
CA VAL A 87 8.49 7.27 15.47
C VAL A 87 8.50 8.56 14.67
N MET A 88 9.62 8.85 14.01
CA MET A 88 9.67 10.06 13.17
C MET A 88 8.57 10.00 12.11
N MET A 89 8.42 8.82 11.52
CA MET A 89 7.46 8.64 10.44
C MET A 89 6.05 8.84 10.93
N PHE A 90 5.73 8.26 12.10
CA PHE A 90 4.35 8.34 12.63
C PHE A 90 4.08 9.74 13.15
N ASN A 91 5.08 10.34 13.78
CA ASN A 91 5.00 11.78 14.07
C ASN A 91 4.75 12.63 12.82
N ASN A 92 5.42 12.33 11.73
CA ASN A 92 5.26 13.13 10.51
C ASN A 92 3.85 13.00 9.99
N ALA A 93 3.34 11.77 9.91
CA ALA A 93 1.97 11.48 9.42
C ALA A 93 0.87 12.12 10.24
N CYS A 94 1.09 12.17 11.56
CA CYS A 94 0.14 12.76 12.46
C CYS A 94 0.23 14.28 12.41
N THR A 95 1.45 14.81 12.25
CA THR A 95 1.61 16.25 12.04
C THR A 95 0.83 16.74 10.81
N TYR A 96 1.02 16.09 9.66
CA TYR A 96 0.50 16.60 8.39
C TYR A 96 -0.99 16.40 8.29
N ASN A 97 -1.46 15.28 8.82
CA ASN A 97 -2.81 14.84 8.58
C ASN A 97 -3.69 15.22 9.78
N GLU A 98 -5.01 15.25 9.55
CA GLU A 98 -5.98 15.59 10.59
C GLU A 98 -6.16 14.43 11.58
N PRO A 99 -6.38 14.72 12.89
CA PRO A 99 -6.65 13.67 13.90
C PRO A 99 -7.78 12.66 13.60
N GLU A 100 -8.72 13.01 12.73
CA GLU A 100 -9.82 12.11 12.34
C GLU A 100 -9.56 11.45 10.99
N SER A 101 -8.41 11.76 10.39
CA SER A 101 -8.07 11.17 9.12
C SER A 101 -7.63 9.75 9.36
N LEU A 102 -7.84 8.93 8.33
CA LEU A 102 -7.47 7.53 8.35
C LEU A 102 -5.98 7.31 8.50
N ILE A 103 -5.19 8.18 7.89
CA ILE A 103 -3.74 8.01 7.91
C ILE A 103 -3.29 8.19 9.35
N TYR A 104 -3.87 9.19 10.01
CA TYR A 104 -3.54 9.52 11.40
C TYR A 104 -3.91 8.31 12.26
N LYS A 105 -5.09 7.74 12.04
CA LYS A 105 -5.55 6.61 12.88
C LYS A 105 -4.67 5.40 12.66
N ASP A 106 -4.31 5.17 11.41
CA ASP A 106 -3.49 4.01 11.07
C ASP A 106 -2.08 4.19 11.65
N ALA A 107 -1.55 5.41 11.63
CA ALA A 107 -0.26 5.70 12.27
C ALA A 107 -0.26 5.38 13.78
N LEU A 108 -1.38 5.68 14.47
CA LEU A 108 -1.51 5.35 15.89
C LEU A 108 -1.53 3.82 16.13
N VAL A 109 -2.28 3.10 15.32
CA VAL A 109 -2.34 1.66 15.43
C VAL A 109 -0.94 1.10 15.21
N LEU A 110 -0.27 1.54 14.14
CA LEU A 110 1.06 0.95 13.82
C LEU A 110 2.12 1.33 14.86
N HIS A 111 1.98 2.51 15.42
CA HIS A 111 2.84 2.92 16.50
C HIS A 111 2.74 1.90 17.64
N LYS A 112 1.52 1.49 17.98
CA LYS A 112 1.29 0.52 19.08
C LYS A 112 1.91 -0.82 18.76
N VAL A 113 1.71 -1.27 17.53
CA VAL A 113 2.33 -2.48 17.08
C VAL A 113 3.86 -2.38 17.29
N LEU A 114 4.47 -1.27 16.85
CA LEU A 114 5.92 -1.05 16.99
C LEU A 114 6.36 -1.24 18.47
N LEU A 115 5.68 -0.59 19.41
CA LEU A 115 6.10 -0.62 20.83
C LEU A 115 5.76 -1.96 21.48
N GLU A 116 4.64 -2.55 21.10
CA GLU A 116 4.33 -3.88 21.60
C GLU A 116 5.34 -4.89 21.16
N THR A 117 5.70 -4.83 19.89
CA THR A 117 6.63 -5.78 19.35
C THR A 117 7.94 -5.61 20.08
N ARG A 118 8.46 -4.38 20.17
CA ARG A 118 9.76 -4.10 20.82
C ARG A 118 9.80 -4.61 22.24
N ARG A 119 8.68 -4.47 22.92
CA ARG A 119 8.56 -4.85 24.31
C ARG A 119 8.40 -6.36 24.45
N ASP A 120 7.64 -6.98 23.55
CA ASP A 120 7.54 -8.44 23.49
C ASP A 120 8.89 -9.11 23.23
N LEU A 121 9.82 -8.40 22.61
CA LEU A 121 11.17 -8.91 22.41
C LEU A 121 12.13 -8.47 23.52
N GLU A 122 11.58 -7.89 24.61
CA GLU A 122 12.34 -7.21 25.67
C GLU A 122 13.66 -7.90 26.04
N GLY A 123 13.61 -9.21 26.23
CA GLY A 123 14.82 -10.04 26.27
C GLY A 123 15.09 -10.64 24.89
N ASP A 124 14.20 -11.54 24.48
CA ASP A 124 14.19 -12.09 23.12
C ASP A 124 13.36 -13.38 23.08
N SER B 10 -3.51 -28.70 -13.56
CA SER B 10 -3.73 -28.33 -12.13
C SER B 10 -3.00 -27.03 -11.84
N LYS B 11 -1.68 -27.11 -11.73
CA LYS B 11 -0.86 -25.90 -11.55
C LYS B 11 -0.71 -25.12 -12.88
N TYR B 12 -1.29 -25.65 -13.95
CA TYR B 12 -1.13 -25.10 -15.29
C TYR B 12 -2.35 -24.31 -15.61
N MET B 13 -2.17 -23.05 -15.94
CA MET B 13 -3.29 -22.19 -16.24
C MET B 13 -3.54 -22.15 -17.72
N THR B 14 -4.79 -21.93 -18.08
CA THR B 14 -5.18 -21.79 -19.46
C THR B 14 -4.63 -20.49 -19.95
N PRO B 15 -4.64 -20.30 -21.28
CA PRO B 15 -4.17 -19.02 -21.80
C PRO B 15 -4.95 -17.79 -21.27
N MET B 16 -6.27 -17.91 -21.19
CA MET B 16 -7.10 -16.80 -20.65
C MET B 16 -6.73 -16.55 -19.19
N GLN B 17 -6.51 -17.61 -18.41
CA GLN B 17 -6.07 -17.43 -17.00
C GLN B 17 -4.70 -16.73 -16.85
N GLN B 18 -3.77 -17.04 -17.73
CA GLN B 18 -2.46 -16.39 -17.70
C GLN B 18 -2.56 -14.92 -18.11
N LYS B 19 -3.41 -14.62 -19.10
CA LYS B 19 -3.61 -13.24 -19.53
C LYS B 19 -4.25 -12.45 -18.38
N LEU B 20 -5.21 -13.04 -17.69
CA LEU B 20 -5.91 -12.39 -16.59
C LEU B 20 -4.91 -12.08 -15.51
N ASN B 21 -4.04 -13.04 -15.21
CA ASN B 21 -3.02 -12.84 -14.18
C ASN B 21 -2.02 -11.75 -14.52
N GLU B 22 -1.61 -11.70 -15.79
CA GLU B 22 -0.57 -10.78 -16.22
C GLU B 22 -1.11 -9.36 -16.18
N VAL B 23 -2.39 -9.23 -16.55
CA VAL B 23 -3.05 -7.92 -16.52
C VAL B 23 -3.16 -7.45 -15.05
N TYR B 24 -3.73 -8.30 -14.22
CA TYR B 24 -3.78 -8.02 -12.78
C TYR B 24 -2.41 -7.65 -12.19
N GLU B 25 -1.41 -8.48 -12.45
CA GLU B 25 -0.07 -8.28 -11.87
C GLU B 25 0.57 -7.01 -12.39
N ALA B 26 0.23 -6.65 -13.62
CA ALA B 26 0.81 -5.43 -14.18
C ALA B 26 0.36 -4.22 -13.37
N VAL B 27 -0.91 -4.22 -13.00
CA VAL B 27 -1.42 -3.11 -12.22
C VAL B 27 -0.84 -3.18 -10.81
N LYS B 28 -0.93 -4.37 -10.22
CA LYS B 28 -0.36 -4.56 -8.90
C LYS B 28 1.09 -4.10 -8.80
N ASN B 29 1.91 -4.54 -9.73
CA ASN B 29 3.38 -4.37 -9.57
C ASN B 29 3.89 -3.03 -10.10
N TYR B 30 3.06 -2.25 -10.77
CA TYR B 30 3.57 -1.02 -11.35
C TYR B 30 4.31 -0.19 -10.31
N THR B 31 5.51 0.27 -10.61
CA THR B 31 6.17 1.25 -9.77
C THR B 31 6.57 2.42 -10.63
N ASP B 32 6.35 3.62 -10.13
CA ASP B 32 6.83 4.80 -10.80
C ASP B 32 8.36 4.86 -10.75
N LYS B 33 8.94 5.89 -11.34
CA LYS B 33 10.41 6.00 -11.40
C LYS B 33 11.09 6.18 -10.02
N ARG B 34 10.35 6.60 -9.01
CA ARG B 34 10.88 6.63 -7.64
C ARG B 34 10.72 5.30 -6.84
N GLY B 35 10.19 4.26 -7.46
CA GLY B 35 9.95 2.97 -6.77
C GLY B 35 8.65 2.87 -5.98
N ARG B 36 7.79 3.88 -6.10
CA ARG B 36 6.57 3.82 -5.34
C ARG B 36 5.59 2.96 -6.09
N ARG B 37 4.96 2.04 -5.38
CA ARG B 37 4.02 1.07 -5.94
C ARG B 37 2.69 1.71 -5.76
N LEU B 38 2.09 2.07 -6.88
CA LEU B 38 0.87 2.87 -6.92
C LEU B 38 -0.38 2.16 -6.44
N SER B 39 -0.42 0.85 -6.65
CA SER B 39 -1.54 0.05 -6.25
C SER B 39 -1.75 -0.06 -4.71
N ALA B 40 -0.73 0.32 -3.92
CA ALA B 40 -0.69 0.07 -2.47
C ALA B 40 -2.01 0.33 -1.76
N ILE B 41 -2.55 1.54 -1.92
CA ILE B 41 -3.82 1.93 -1.26
C ILE B 41 -5.06 1.40 -1.97
N PHE B 42 -4.92 0.81 -3.16
CA PHE B 42 -6.08 0.21 -3.86
C PHE B 42 -6.28 -1.28 -3.48
N LEU B 43 -5.38 -1.88 -2.74
CA LEU B 43 -5.51 -3.35 -2.49
C LEU B 43 -6.79 -3.68 -1.64
N ARG B 44 -7.08 -2.86 -0.64
CA ARG B 44 -8.17 -3.11 0.25
C ARG B 44 -8.76 -1.77 0.73
N LEU B 45 -10.02 -1.61 0.35
CA LEU B 45 -10.84 -0.49 0.73
C LEU B 45 -11.02 -0.49 2.23
N PRO B 46 -10.92 0.68 2.86
CA PRO B 46 -11.30 0.79 4.27
C PRO B 46 -12.79 0.56 4.53
N SER B 47 -13.15 0.49 5.81
CA SER B 47 -14.51 0.06 6.22
C SER B 47 -15.52 1.20 6.24
N ARG B 48 -16.80 0.82 6.29
CA ARG B 48 -17.86 1.74 6.70
C ARG B 48 -17.35 2.53 7.89
N SER B 49 -17.23 1.89 9.05
CA SER B 49 -16.84 2.57 10.29
C SER B 49 -15.70 3.59 10.10
N GLU B 50 -14.81 3.34 9.11
CA GLU B 50 -13.59 4.14 8.91
C GLU B 50 -13.73 5.20 7.83
N LEU B 51 -14.68 4.98 6.92
CA LEU B 51 -15.21 6.07 6.08
C LEU B 51 -16.65 5.71 5.60
N PRO B 52 -17.63 5.79 6.53
CA PRO B 52 -19.02 5.45 6.23
C PRO B 52 -19.58 6.18 4.97
N ASP B 53 -19.15 7.42 4.81
CA ASP B 53 -19.64 8.31 3.74
CA ASP B 53 -19.65 8.31 3.76
C ASP B 53 -19.30 7.78 2.35
N TYR B 54 -18.21 7.05 2.25
CA TYR B 54 -17.85 6.36 1.02
C TYR B 54 -18.97 5.40 0.55
N TYR B 55 -19.43 4.60 1.48
CA TYR B 55 -20.40 3.56 1.17
C TYR B 55 -21.83 4.08 0.88
N LEU B 56 -22.18 5.22 1.46
CA LEU B 56 -23.46 5.85 1.16
C LEU B 56 -23.42 6.42 -0.25
N THR B 57 -22.23 6.84 -0.71
CA THR B 57 -22.13 7.55 -1.96
C THR B 57 -21.53 6.74 -3.14
N ILE B 58 -20.71 5.71 -2.86
CA ILE B 58 -20.16 4.86 -3.93
C ILE B 58 -21.04 3.63 -4.03
N LYS B 59 -21.71 3.45 -5.17
CA LYS B 59 -22.71 2.39 -5.34
C LYS B 59 -22.15 0.97 -5.37
N LYS B 60 -21.02 0.78 -6.04
CA LYS B 60 -20.36 -0.52 -6.12
C LYS B 60 -18.90 -0.38 -5.67
N PRO B 61 -18.65 -0.53 -4.38
CA PRO B 61 -17.27 -0.50 -3.95
C PRO B 61 -16.44 -1.61 -4.62
N MET B 62 -15.18 -1.29 -4.94
CA MET B 62 -14.28 -2.22 -5.58
C MET B 62 -12.87 -1.98 -5.04
N ASP B 63 -12.16 -3.07 -4.79
CA ASP B 63 -10.74 -3.01 -4.48
C ASP B 63 -9.99 -4.18 -5.17
N MET B 64 -8.68 -4.14 -5.13
CA MET B 64 -7.94 -5.12 -5.89
C MET B 64 -8.03 -6.48 -5.21
N GLU B 65 -8.20 -6.54 -3.89
CA GLU B 65 -8.41 -7.86 -3.24
C GLU B 65 -9.66 -8.54 -3.82
N LYS B 66 -10.72 -7.76 -4.03
CA LYS B 66 -11.92 -8.33 -4.57
C LYS B 66 -11.69 -8.79 -6.00
N ILE B 67 -10.94 -8.00 -6.76
CA ILE B 67 -10.57 -8.36 -8.12
C ILE B 67 -9.82 -9.69 -8.09
N ARG B 68 -8.81 -9.77 -7.25
CA ARG B 68 -7.97 -10.93 -7.10
C ARG B 68 -8.78 -12.17 -6.70
N SER B 69 -9.78 -11.98 -5.85
CA SER B 69 -10.65 -13.07 -5.39
C SER B 69 -11.51 -13.63 -6.50
N HIS B 70 -12.13 -12.75 -7.28
CA HIS B 70 -12.88 -13.17 -8.48
C HIS B 70 -11.96 -13.89 -9.48
N MET B 71 -10.71 -13.44 -9.61
CA MET B 71 -9.80 -14.06 -10.55
C MET B 71 -9.41 -15.46 -10.06
N MET B 72 -8.93 -15.55 -8.82
CA MET B 72 -8.57 -16.86 -8.23
C MET B 72 -9.72 -17.88 -8.23
N ALA B 73 -10.96 -17.42 -8.15
CA ALA B 73 -12.12 -18.31 -8.19
C ALA B 73 -12.58 -18.54 -9.64
N ASN B 74 -11.70 -18.27 -10.59
CA ASN B 74 -11.97 -18.44 -12.01
C ASN B 74 -13.20 -17.73 -12.49
N LYS B 75 -13.59 -16.66 -11.81
CA LYS B 75 -14.87 -16.04 -12.10
C LYS B 75 -14.90 -15.05 -13.30
N TYR B 76 -13.76 -14.71 -13.91
CA TYR B 76 -13.78 -13.85 -15.14
C TYR B 76 -13.67 -14.68 -16.42
N GLN B 77 -14.60 -14.44 -17.36
CA GLN B 77 -14.64 -15.16 -18.63
C GLN B 77 -13.67 -14.61 -19.67
N ASP B 78 -13.44 -13.29 -19.63
CA ASP B 78 -12.61 -12.60 -20.60
C ASP B 78 -11.88 -11.44 -19.94
N ILE B 79 -11.01 -10.77 -20.70
CA ILE B 79 -10.23 -9.65 -20.16
C ILE B 79 -11.06 -8.38 -19.93
N ASP B 80 -12.09 -8.19 -20.74
CA ASP B 80 -12.90 -7.00 -20.61
C ASP B 80 -13.63 -7.03 -19.29
N SER B 81 -14.01 -8.22 -18.82
CA SER B 81 -14.68 -8.34 -17.57
C SER B 81 -13.82 -7.81 -16.41
N MET B 82 -12.53 -8.12 -16.44
CA MET B 82 -11.64 -7.76 -15.34
C MET B 82 -11.31 -6.29 -15.41
N VAL B 83 -11.04 -5.81 -16.62
CA VAL B 83 -10.86 -4.38 -16.87
C VAL B 83 -12.06 -3.53 -16.39
N GLU B 84 -13.27 -4.04 -16.62
CA GLU B 84 -14.51 -3.40 -16.15
C GLU B 84 -14.44 -3.10 -14.63
N ASP B 85 -13.90 -4.05 -13.89
CA ASP B 85 -13.80 -3.91 -12.44
C ASP B 85 -12.70 -2.95 -12.06
N PHE B 86 -11.58 -2.99 -12.77
CA PHE B 86 -10.54 -2.01 -12.53
C PHE B 86 -11.06 -0.60 -12.81
N VAL B 87 -11.83 -0.46 -13.90
CA VAL B 87 -12.41 0.84 -14.29
C VAL B 87 -13.37 1.36 -13.26
N MET B 88 -14.28 0.50 -12.82
CA MET B 88 -15.10 0.83 -11.69
C MET B 88 -14.28 1.34 -10.48
N MET B 89 -13.22 0.62 -10.11
CA MET B 89 -12.37 1.03 -8.99
C MET B 89 -11.79 2.42 -9.15
N PHE B 90 -11.21 2.66 -10.32
CA PHE B 90 -10.53 3.92 -10.61
C PHE B 90 -11.53 5.05 -10.67
N ASN B 91 -12.70 4.76 -11.21
CA ASN B 91 -13.76 5.73 -11.31
C ASN B 91 -14.29 6.11 -9.94
N ASN B 92 -14.36 5.12 -9.05
CA ASN B 92 -14.77 5.35 -7.68
C ASN B 92 -13.80 6.25 -6.96
N ALA B 93 -12.50 5.97 -7.13
CA ALA B 93 -11.44 6.75 -6.50
C ALA B 93 -11.52 8.21 -7.00
N CYS B 94 -11.77 8.37 -8.28
CA CYS B 94 -11.82 9.73 -8.87
C CYS B 94 -13.12 10.49 -8.52
N THR B 95 -14.17 9.75 -8.19
CA THR B 95 -15.40 10.32 -7.66
C THR B 95 -15.28 10.79 -6.24
N TYR B 96 -14.77 9.94 -5.35
CA TYR B 96 -14.74 10.26 -3.93
C TYR B 96 -13.67 11.26 -3.59
N ASN B 97 -12.55 11.21 -4.31
CA ASN B 97 -11.44 12.09 -4.03
C ASN B 97 -11.39 13.22 -5.08
N GLU B 98 -10.71 14.32 -4.73
CA GLU B 98 -10.63 15.53 -5.57
C GLU B 98 -9.55 15.40 -6.65
N PRO B 99 -9.68 16.14 -7.76
CA PRO B 99 -8.70 16.01 -8.87
C PRO B 99 -7.23 16.24 -8.49
N GLU B 100 -6.99 17.07 -7.49
CA GLU B 100 -5.63 17.37 -7.07
C GLU B 100 -5.05 16.41 -6.03
N SER B 101 -5.86 15.44 -5.58
CA SER B 101 -5.38 14.44 -4.62
C SER B 101 -4.46 13.41 -5.31
N LEU B 102 -3.59 12.80 -4.52
CA LEU B 102 -2.68 11.78 -5.03
C LEU B 102 -3.40 10.47 -5.44
N ILE B 103 -4.40 10.06 -4.67
CA ILE B 103 -5.17 8.86 -5.01
C ILE B 103 -5.86 9.01 -6.36
N TYR B 104 -6.41 10.18 -6.60
CA TYR B 104 -7.10 10.46 -7.81
C TYR B 104 -6.12 10.32 -8.98
N LYS B 105 -4.98 10.97 -8.85
CA LYS B 105 -3.97 11.01 -9.90
C LYS B 105 -3.28 9.63 -10.12
N ASP B 106 -2.99 8.91 -9.04
CA ASP B 106 -2.53 7.50 -9.07
C ASP B 106 -3.54 6.62 -9.79
N ALA B 107 -4.83 6.89 -9.60
CA ALA B 107 -5.89 6.08 -10.28
C ALA B 107 -5.79 6.24 -11.75
N LEU B 108 -5.50 7.46 -12.20
CA LEU B 108 -5.33 7.74 -13.62
C LEU B 108 -4.12 7.06 -14.25
N VAL B 109 -2.98 7.08 -13.55
CA VAL B 109 -1.77 6.38 -13.99
C VAL B 109 -2.01 4.89 -14.14
N LEU B 110 -2.63 4.29 -13.12
CA LEU B 110 -2.96 2.87 -13.13
C LEU B 110 -3.96 2.48 -14.19
N HIS B 111 -4.89 3.36 -14.48
CA HIS B 111 -5.79 3.14 -15.61
C HIS B 111 -5.04 3.09 -16.94
N LYS B 112 -4.10 4.01 -17.13
CA LYS B 112 -3.22 3.97 -18.31
C LYS B 112 -2.37 2.67 -18.40
N VAL B 113 -1.81 2.23 -17.30
CA VAL B 113 -1.09 0.93 -17.21
C VAL B 113 -2.00 -0.24 -17.61
N LEU B 114 -3.17 -0.27 -17.01
CA LEU B 114 -4.17 -1.24 -17.39
C LEU B 114 -4.43 -1.28 -18.89
N LEU B 115 -4.72 -0.13 -19.48
CA LEU B 115 -5.02 -0.12 -20.91
C LEU B 115 -3.79 -0.41 -21.76
N GLU B 116 -2.63 0.10 -21.35
CA GLU B 116 -1.40 -0.16 -22.11
C GLU B 116 -1.14 -1.67 -22.12
N THR B 117 -1.35 -2.30 -20.96
CA THR B 117 -1.13 -3.73 -20.79
C THR B 117 -2.08 -4.56 -21.68
N ARG B 118 -3.37 -4.27 -21.67
CA ARG B 118 -4.29 -5.02 -22.54
C ARG B 118 -3.90 -4.87 -24.02
N ARG B 119 -3.69 -3.63 -24.44
CA ARG B 119 -3.29 -3.35 -25.82
C ARG B 119 -1.95 -4.02 -26.22
N ASP B 120 -0.99 -4.12 -25.29
CA ASP B 120 0.26 -4.85 -25.52
C ASP B 120 0.09 -6.36 -25.67
N LEU B 121 -0.97 -6.91 -25.11
CA LEU B 121 -1.22 -8.35 -25.15
C LEU B 121 -2.33 -8.65 -26.14
N GLU B 122 -2.77 -7.63 -26.88
CA GLU B 122 -3.83 -7.78 -27.88
C GLU B 122 -3.63 -9.06 -28.72
N GLY B 123 -2.41 -9.27 -29.24
CA GLY B 123 -2.11 -10.50 -29.98
C GLY B 123 -2.19 -11.68 -29.03
N ASP B 124 -1.29 -11.62 -28.05
CA ASP B 124 -1.30 -12.39 -26.80
C ASP B 124 0.12 -12.39 -26.20
#